data_9RG6
#
_entry.id   9RG6
#
_cell.length_a   45.330
_cell.length_b   72.760
_cell.length_c   52.610
_cell.angle_alpha   90.00
_cell.angle_beta   109.33
_cell.angle_gamma   90.00
#
_symmetry.space_group_name_H-M   'P 1 21 1'
#
loop_
_entity.id
_entity.type
_entity.pdbx_description
1 polymer Endothiapepsin
2 non-polymer 'DIMETHYL SULFOXIDE'
3 non-polymer ~{N}-[3-(aminomethyl)phenyl]-4-fluoranyl-benzamide
4 water water
#
_entity_poly.entity_id   1
_entity_poly.type   'polypeptide(L)'
_entity_poly.pdbx_seq_one_letter_code
;STGSATTTPIDSLDDAYITPVQIGTPAQTLNLDFDTGSSDLWVFSSETTASEVDGQTIYTPSKSTTAKLLSGATWSISYG
DGSSSSGDVYTDTVSVGGLTVTGQAVESAKKVSSSFTEDSTIDGLLGLAFSTLNTVSPTQQKTFFDNAKASLDSPVFTAD
LGYHAPGTYNFGFIDTTAYTGSITYTAVSTKQGFWEWTSTGYAVGSGTFKSTSIDGIADTGTTLLYLPATVVSAYWAQVS
GAKSSSSVGGYVFPCSATLPSFTFGVGSARIVIPGDYIDFGPISTGSSSCFGGIQSSAGIGINIFGDVALKAAFVVFNGA
TTPTLGFASK
;
_entity_poly.pdbx_strand_id   A
#
loop_
_chem_comp.id
_chem_comp.type
_chem_comp.name
_chem_comp.formula
A1JFV non-polymer ~{N}-[3-(aminomethyl)phenyl]-4-fluoranyl-benzamide 'C14 H13 F N2 O'
DMS non-polymer 'DIMETHYL SULFOXIDE' 'C2 H6 O S'
#
# COMPACT_ATOMS: atom_id res chain seq x y z
N SER A 1 0.37 -15.35 18.90
CA SER A 1 0.87 -13.95 19.05
C SER A 1 0.07 -12.97 18.21
N THR A 2 0.25 -11.67 18.49
CA THR A 2 -0.32 -10.59 17.69
C THR A 2 0.67 -9.43 17.66
N GLY A 3 0.43 -8.49 16.75
CA GLY A 3 1.08 -7.20 16.78
C GLY A 3 0.12 -6.10 16.35
N SER A 4 0.42 -4.86 16.77
CA SER A 4 -0.41 -3.71 16.44
C SER A 4 0.48 -2.50 16.37
N ALA A 5 0.51 -1.84 15.21
CA ALA A 5 1.34 -0.65 15.02
C ALA A 5 0.54 0.44 14.35
N THR A 6 0.81 1.67 14.76
CA THR A 6 0.19 2.84 14.13
C THR A 6 0.93 3.19 12.86
N THR A 7 0.16 3.54 11.82
CA THR A 7 0.68 4.00 10.54
C THR A 7 0.26 5.45 10.33
N THR A 8 1.18 6.28 9.86
CA THR A 8 1.00 7.73 9.86
C THR A 8 1.22 8.27 8.45
N PRO A 9 0.36 9.16 7.95
CA PRO A 9 0.62 9.74 6.64
CA PRO A 9 0.63 9.76 6.65
C PRO A 9 1.92 10.53 6.64
N ILE A 10 2.64 10.45 5.52
CA ILE A 10 3.92 11.14 5.42
C ILE A 10 3.77 12.64 5.19
N ASP A 11 2.61 13.09 4.75
CA ASP A 11 2.40 14.49 4.39
C ASP A 11 0.91 14.78 4.45
N SER A 12 0.56 16.04 4.15
CA SER A 12 -0.82 16.50 4.30
C SER A 12 -1.75 15.94 3.25
N LEU A 13 -1.23 15.24 2.25
CA LEU A 13 -2.05 14.68 1.18
C LEU A 13 -2.27 13.18 1.33
N ASP A 14 -1.68 12.54 2.34
CA ASP A 14 -1.71 11.09 2.47
C ASP A 14 -1.01 10.45 1.27
N ASP A 15 0.13 10.99 0.85
CA ASP A 15 0.81 10.43 -0.32
C ASP A 15 1.31 9.02 -0.04
N ALA A 16 1.62 8.71 1.21
CA ALA A 16 1.97 7.38 1.63
C ALA A 16 1.84 7.35 3.14
N TYR A 17 2.01 6.17 3.70
CA TYR A 17 1.92 5.96 5.14
C TYR A 17 3.18 5.25 5.64
N ILE A 18 3.69 5.66 6.78
CA ILE A 18 4.85 5.04 7.38
C ILE A 18 4.52 4.42 8.73
N THR A 19 5.13 3.27 9.01
CA THR A 19 4.93 2.49 10.21
C THR A 19 6.29 2.18 10.81
N PRO A 20 6.50 2.42 12.10
CA PRO A 20 7.80 2.14 12.71
C PRO A 20 8.02 0.63 12.83
N VAL A 21 9.24 0.21 12.52
CA VAL A 21 9.66 -1.19 12.53
C VAL A 21 10.98 -1.27 13.25
N GLN A 22 11.09 -2.19 14.20
CA GLN A 22 12.34 -2.41 14.92
C GLN A 22 13.16 -3.51 14.22
N ILE A 23 14.41 -3.19 13.90
CA ILE A 23 15.29 -4.13 13.22
C ILE A 23 16.59 -4.27 14.01
N GLY A 24 16.96 -5.51 14.33
CA GLY A 24 18.26 -5.73 14.93
C GLY A 24 18.27 -5.69 16.44
N THR A 25 19.47 -5.90 16.97
CA THR A 25 19.75 -5.93 18.41
C THR A 25 21.02 -5.15 18.72
N PRO A 26 20.96 -4.05 19.49
CA PRO A 26 19.76 -3.37 19.98
C PRO A 26 18.90 -2.89 18.81
N ALA A 27 17.63 -2.61 19.06
CA ALA A 27 16.73 -2.26 18.00
C ALA A 27 17.16 -0.99 17.29
N GLN A 28 17.02 -0.99 15.98
CA GLN A 28 17.13 0.18 15.13
C GLN A 28 15.74 0.40 14.55
N THR A 29 15.12 1.52 14.84
CA THR A 29 13.75 1.77 14.41
C THR A 29 13.77 2.55 13.11
N LEU A 30 13.21 1.97 12.05
CA LEU A 30 13.08 2.60 10.75
C LEU A 30 11.59 2.74 10.43
N ASN A 31 11.24 3.78 9.71
CA ASN A 31 9.85 4.03 9.33
C ASN A 31 9.62 3.52 7.92
N LEU A 32 8.88 2.42 7.81
CA LEU A 32 8.75 1.71 6.54
C LEU A 32 7.36 1.89 5.95
N ASP A 33 7.31 1.84 4.63
CA ASP A 33 6.07 1.91 3.86
C ASP A 33 5.56 0.48 3.67
N PHE A 34 4.51 0.12 4.43
CA PHE A 34 3.92 -1.22 4.31
C PHE A 34 3.17 -1.32 2.99
N ASP A 35 3.55 -2.29 2.16
CA ASP A 35 3.16 -2.34 0.75
C ASP A 35 2.54 -3.70 0.44
N THR A 36 1.21 -3.79 0.42
CA THR A 36 0.56 -5.04 0.09
C THR A 36 0.63 -5.38 -1.40
N GLY A 37 1.29 -4.54 -2.20
CA GLY A 37 1.55 -4.83 -3.59
C GLY A 37 2.94 -5.33 -3.94
N SER A 38 3.80 -5.55 -2.95
CA SER A 38 5.12 -6.12 -3.22
C SER A 38 5.53 -6.99 -2.04
N SER A 39 6.70 -7.64 -2.17
CA SER A 39 7.03 -8.75 -1.26
C SER A 39 8.47 -8.72 -0.78
N ASP A 40 9.11 -7.57 -0.81
CA ASP A 40 10.48 -7.38 -0.33
C ASP A 40 10.44 -6.42 0.85
N LEU A 41 11.17 -6.75 1.90
CA LEU A 41 11.42 -5.84 3.02
C LEU A 41 12.82 -5.29 2.78
N TRP A 42 12.90 -4.05 2.32
CA TRP A 42 14.19 -3.43 2.04
C TRP A 42 14.30 -2.10 2.75
N VAL A 43 15.55 -1.74 3.09
CA VAL A 43 15.84 -0.57 3.89
C VAL A 43 17.01 0.22 3.35
N PHE A 44 16.93 1.54 3.52
CA PHE A 44 18.13 2.37 3.47
C PHE A 44 19.10 1.88 4.53
N SER A 45 20.39 1.92 4.20
CA SER A 45 21.36 1.27 5.08
C SER A 45 22.70 1.96 5.00
N SER A 46 23.63 1.49 5.85
CA SER A 46 25.01 1.94 5.80
C SER A 46 25.69 1.56 4.50
N GLU A 47 25.10 0.69 3.70
CA GLU A 47 25.62 0.29 2.40
C GLU A 47 25.05 1.13 1.26
N THR A 48 24.04 1.96 1.51
CA THR A 48 23.43 2.73 0.42
C THR A 48 24.39 3.82 -0.06
N THR A 49 24.56 3.90 -1.38
CA THR A 49 25.34 4.94 -2.02
C THR A 49 25.07 6.28 -1.36
N ALA A 50 26.12 6.94 -0.86
CA ALA A 50 25.93 8.09 0.00
C ALA A 50 25.15 9.21 -0.69
N SER A 51 25.41 9.42 -1.99
CA SER A 51 24.71 10.46 -2.73
C SER A 51 23.23 10.20 -2.90
N GLU A 52 22.77 8.97 -2.60
CA GLU A 52 21.38 8.61 -2.75
C GLU A 52 20.63 8.57 -1.42
N VAL A 53 21.28 8.98 -0.33
CA VAL A 53 20.66 9.11 0.98
C VAL A 53 20.51 10.60 1.26
N ASP A 54 19.29 11.02 1.63
CA ASP A 54 18.99 12.42 1.91
C ASP A 54 17.95 12.52 3.02
N GLY A 55 18.39 12.27 4.24
CA GLY A 55 17.56 12.44 5.42
C GLY A 55 16.96 11.19 5.98
N GLN A 56 17.03 10.06 5.27
CA GLN A 56 16.46 8.82 5.76
C GLN A 56 17.26 8.28 6.94
N THR A 57 16.58 7.54 7.81
CA THR A 57 17.25 6.75 8.84
C THR A 57 17.74 5.46 8.20
N ILE A 58 18.98 5.08 8.52
CA ILE A 58 19.60 3.91 7.92
C ILE A 58 19.72 2.78 8.92
N TYR A 59 19.63 1.55 8.39
CA TYR A 59 19.97 0.34 9.11
C TYR A 59 21.46 0.09 8.95
N THR A 60 22.15 -0.16 10.06
CA THR A 60 23.58 -0.48 10.05
C THR A 60 23.74 -1.90 10.57
N PRO A 61 23.85 -2.91 9.70
CA PRO A 61 23.93 -4.29 10.21
C PRO A 61 25.12 -4.53 11.11
N SER A 62 26.23 -3.83 10.91
CA SER A 62 27.41 -4.08 11.74
C SER A 62 27.18 -3.72 13.20
N LYS A 63 26.15 -2.92 13.50
CA LYS A 63 25.81 -2.55 14.85
C LYS A 63 24.78 -3.47 15.48
N SER A 64 24.31 -4.48 14.75
CA SER A 64 23.32 -5.41 15.26
C SER A 64 23.97 -6.75 15.55
N THR A 65 23.86 -7.20 16.80
CA THR A 65 24.48 -8.45 17.19
C THR A 65 23.78 -9.66 16.61
N THR A 66 22.56 -9.49 16.10
CA THR A 66 21.79 -10.59 15.52
C THR A 66 21.80 -10.59 14.00
N ALA A 67 22.42 -9.60 13.37
CA ALA A 67 22.47 -9.56 11.92
C ALA A 67 23.47 -10.58 11.39
N LYS A 68 23.09 -11.25 10.31
CA LYS A 68 23.97 -12.18 9.62
CA LYS A 68 23.98 -12.17 9.62
C LYS A 68 23.85 -11.96 8.13
N LEU A 69 24.99 -11.82 7.44
CA LEU A 69 24.95 -11.72 5.99
C LEU A 69 24.33 -12.98 5.42
N LEU A 70 23.37 -12.84 4.52
CA LEU A 70 22.84 -13.97 3.76
C LEU A 70 23.75 -14.13 2.55
N SER A 71 24.73 -15.02 2.68
CA SER A 71 25.85 -15.02 1.77
C SER A 71 25.42 -15.31 0.34
N GLY A 72 25.85 -14.46 -0.58
CA GLY A 72 25.59 -14.62 -1.99
C GLY A 72 24.26 -14.06 -2.46
N ALA A 73 23.39 -13.63 -1.55
CA ALA A 73 22.05 -13.20 -1.92
C ALA A 73 22.04 -11.75 -2.36
N THR A 74 21.36 -11.48 -3.47
CA THR A 74 21.14 -10.13 -3.94
C THR A 74 19.66 -9.95 -4.23
N TRP A 75 19.28 -8.69 -4.40
CA TRP A 75 17.91 -8.36 -4.72
C TRP A 75 17.88 -7.14 -5.63
N SER A 76 16.81 -7.04 -6.40
CA SER A 76 16.68 -5.92 -7.32
C SER A 76 15.21 -5.85 -7.69
N ILE A 77 14.60 -4.69 -7.50
CA ILE A 77 13.16 -4.56 -7.72
C ILE A 77 12.88 -3.33 -8.55
N SER A 78 11.96 -3.46 -9.50
CA SER A 78 11.46 -2.35 -10.30
C SER A 78 9.95 -2.32 -10.08
N TYR A 79 9.48 -1.25 -9.45
CA TYR A 79 8.07 -1.11 -9.11
C TYR A 79 7.30 -0.55 -10.31
N GLY A 80 5.99 -0.81 -10.30
CA GLY A 80 5.16 -0.40 -11.41
C GLY A 80 5.14 1.10 -11.66
N ASP A 81 5.48 1.90 -10.65
CA ASP A 81 5.51 3.35 -10.82
C ASP A 81 6.81 3.87 -11.41
N GLY A 82 7.76 3.00 -11.74
CA GLY A 82 9.02 3.40 -12.33
C GLY A 82 10.17 3.51 -11.36
N SER A 83 9.91 3.41 -10.06
CA SER A 83 10.98 3.46 -9.08
C SER A 83 11.63 2.09 -8.93
N SER A 84 12.81 2.07 -8.31
CA SER A 84 13.58 0.84 -8.20
C SER A 84 14.61 0.94 -7.09
N SER A 85 15.11 -0.22 -6.68
CA SER A 85 16.18 -0.31 -5.69
C SER A 85 16.80 -1.71 -5.76
N SER A 86 18.00 -1.84 -5.21
CA SER A 86 18.70 -3.12 -5.25
C SER A 86 19.80 -3.15 -4.20
N GLY A 87 20.28 -4.36 -3.90
CA GLY A 87 21.35 -4.49 -2.92
C GLY A 87 21.62 -5.93 -2.53
N ASP A 88 22.06 -6.11 -1.29
CA ASP A 88 22.36 -7.41 -0.72
C ASP A 88 21.44 -7.67 0.47
N VAL A 89 21.68 -8.75 1.20
CA VAL A 89 20.68 -9.26 2.13
C VAL A 89 21.33 -9.72 3.43
N TYR A 90 20.70 -9.34 4.54
CA TYR A 90 21.00 -9.84 5.87
C TYR A 90 19.78 -10.57 6.40
N THR A 91 19.98 -11.47 7.34
CA THR A 91 18.85 -11.86 8.19
C THR A 91 19.03 -11.20 9.55
N ASP A 92 17.91 -10.84 10.17
CA ASP A 92 17.95 -10.18 11.46
C ASP A 92 16.58 -10.32 12.11
N THR A 93 16.51 -9.89 13.37
CA THR A 93 15.25 -9.88 14.10
C THR A 93 14.48 -8.62 13.75
N VAL A 94 13.20 -8.79 13.39
CA VAL A 94 12.35 -7.69 12.98
C VAL A 94 11.06 -7.75 13.80
N SER A 95 10.69 -6.62 14.38
CA SER A 95 9.47 -6.54 15.18
C SER A 95 8.59 -5.41 14.69
N VAL A 96 7.29 -5.70 14.62
CA VAL A 96 6.29 -4.73 14.22
C VAL A 96 5.23 -4.72 15.32
N GLY A 97 5.10 -3.60 16.01
CA GLY A 97 4.02 -3.47 16.99
C GLY A 97 3.99 -4.57 18.01
N GLY A 98 5.16 -5.04 18.43
CA GLY A 98 5.26 -6.09 19.43
C GLY A 98 5.31 -7.53 18.91
N LEU A 99 5.15 -7.73 17.61
CA LEU A 99 5.24 -9.06 16.98
C LEU A 99 6.63 -9.21 16.40
N THR A 100 7.34 -10.27 16.79
CA THR A 100 8.75 -10.44 16.44
C THR A 100 8.92 -11.65 15.54
N VAL A 101 9.72 -11.47 14.48
CA VAL A 101 10.18 -12.55 13.62
C VAL A 101 11.70 -12.59 13.72
N THR A 102 12.25 -13.73 14.07
CA THR A 102 13.70 -13.93 13.99
C THR A 102 14.05 -14.49 12.62
N GLY A 103 15.24 -14.14 12.13
CA GLY A 103 15.69 -14.62 10.84
C GLY A 103 14.98 -14.04 9.64
N GLN A 104 14.37 -12.87 9.78
CA GLN A 104 13.73 -12.21 8.65
C GLN A 104 14.77 -11.69 7.67
N ALA A 105 14.53 -11.88 6.36
CA ALA A 105 15.40 -11.30 5.36
C ALA A 105 15.18 -9.78 5.33
N VAL A 106 16.25 -9.04 5.61
CA VAL A 106 16.28 -7.59 5.57
C VAL A 106 17.18 -7.23 4.40
N GLU A 107 16.58 -6.67 3.36
CA GLU A 107 17.27 -6.41 2.10
C GLU A 107 17.87 -5.01 2.19
N SER A 108 19.20 -4.95 2.20
CA SER A 108 19.93 -3.70 2.41
C SER A 108 20.18 -3.06 1.06
N ALA A 109 19.74 -1.81 0.89
CA ALA A 109 19.88 -1.13 -0.39
C ALA A 109 21.32 -0.68 -0.59
N LYS A 110 21.87 -1.03 -1.74
CA LYS A 110 23.09 -0.38 -2.21
C LYS A 110 22.76 0.78 -3.14
N LYS A 111 21.64 0.66 -3.87
CA LYS A 111 21.20 1.68 -4.82
C LYS A 111 19.70 1.86 -4.67
N VAL A 112 19.25 3.11 -4.76
CA VAL A 112 17.82 3.43 -4.83
C VAL A 112 17.60 4.48 -5.90
N SER A 113 16.43 4.47 -6.52
CA SER A 113 16.12 5.47 -7.53
C SER A 113 15.77 6.81 -6.88
N SER A 114 15.72 7.84 -7.72
CA SER A 114 15.67 9.22 -7.23
C SER A 114 14.43 9.47 -6.39
N SER A 115 13.31 8.85 -6.74
CA SER A 115 12.09 9.10 -5.98
C SER A 115 12.22 8.62 -4.54
N PHE A 116 12.97 7.55 -4.29
CA PHE A 116 13.22 7.14 -2.92
C PHE A 116 14.13 8.13 -2.21
N THR A 117 15.22 8.54 -2.86
CA THR A 117 16.12 9.51 -2.26
C THR A 117 15.39 10.79 -1.88
N GLU A 118 14.49 11.23 -2.74
CA GLU A 118 13.81 12.50 -2.54
C GLU A 118 12.75 12.45 -1.47
N ASP A 119 12.39 11.27 -0.99
CA ASP A 119 11.39 11.15 0.06
C ASP A 119 12.08 10.82 1.37
N SER A 120 12.39 11.88 2.13
CA SER A 120 13.17 11.70 3.35
C SER A 120 12.42 10.97 4.45
N THR A 121 11.09 10.85 4.33
CA THR A 121 10.27 10.27 5.38
C THR A 121 10.14 8.75 5.29
N ILE A 122 10.55 8.14 4.19
CA ILE A 122 10.39 6.70 3.97
C ILE A 122 11.77 6.05 4.00
N ASP A 123 12.00 5.22 5.03
CA ASP A 123 13.28 4.57 5.24
C ASP A 123 13.37 3.21 4.56
N GLY A 124 12.33 2.80 3.87
CA GLY A 124 12.30 1.51 3.19
C GLY A 124 10.86 1.04 3.05
N LEU A 125 10.71 -0.17 2.51
CA LEU A 125 9.42 -0.77 2.27
C LEU A 125 9.34 -2.11 3.01
N LEU A 126 8.14 -2.46 3.46
CA LEU A 126 7.88 -3.78 4.02
C LEU A 126 6.78 -4.42 3.20
N GLY A 127 7.14 -5.38 2.36
CA GLY A 127 6.19 -5.99 1.46
C GLY A 127 5.28 -6.98 2.16
N LEU A 128 4.00 -6.95 1.76
CA LEU A 128 2.95 -7.78 2.34
C LEU A 128 2.12 -8.48 1.28
N ALA A 129 2.59 -8.52 0.04
CA ALA A 129 2.00 -9.37 -1.00
C ALA A 129 2.53 -10.79 -0.80
N PHE A 130 2.32 -11.67 -1.78
CA PHE A 130 2.67 -13.07 -1.59
C PHE A 130 4.16 -13.27 -1.86
N SER A 131 4.76 -14.22 -1.13
CA SER A 131 6.22 -14.36 -1.18
C SER A 131 6.72 -14.80 -2.55
N THR A 132 5.86 -15.31 -3.41
CA THR A 132 6.24 -15.64 -4.78
C THR A 132 6.78 -14.45 -5.55
N LEU A 133 6.47 -13.22 -5.12
CA LEU A 133 7.00 -12.02 -5.77
C LEU A 133 8.34 -11.57 -5.20
N ASN A 134 8.84 -12.19 -4.15
CA ASN A 134 10.06 -11.68 -3.55
C ASN A 134 11.22 -11.82 -4.53
N THR A 135 12.07 -10.79 -4.59
CA THR A 135 13.09 -10.72 -5.63
C THR A 135 14.46 -11.29 -5.23
N VAL A 136 14.63 -11.78 -4.01
CA VAL A 136 15.97 -12.24 -3.61
C VAL A 136 16.39 -13.44 -4.43
N SER A 137 17.63 -13.41 -4.89
CA SER A 137 18.25 -14.43 -5.71
C SER A 137 19.58 -14.82 -5.07
N PRO A 138 19.96 -16.10 -5.10
CA PRO A 138 19.31 -17.22 -5.77
C PRO A 138 18.26 -17.93 -4.94
N THR A 139 18.08 -17.54 -3.69
CA THR A 139 17.16 -18.20 -2.76
C THR A 139 16.08 -17.18 -2.39
N GLN A 140 14.87 -17.36 -2.93
CA GLN A 140 13.79 -16.44 -2.64
C GLN A 140 13.46 -16.46 -1.16
N GLN A 141 13.11 -15.29 -0.64
CA GLN A 141 12.84 -15.11 0.78
C GLN A 141 11.37 -14.82 1.04
N LYS A 142 10.96 -15.08 2.29
CA LYS A 142 9.58 -14.90 2.72
C LYS A 142 9.33 -13.51 3.28
N THR A 143 8.09 -13.04 3.12
CA THR A 143 7.69 -11.79 3.73
C THR A 143 7.60 -11.92 5.25
N PHE A 144 7.60 -10.76 5.90
CA PHE A 144 7.39 -10.71 7.35
C PHE A 144 6.11 -11.42 7.77
N PHE A 145 5.01 -11.21 7.02
CA PHE A 145 3.74 -11.87 7.35
C PHE A 145 3.84 -13.37 7.16
N ASP A 146 4.45 -13.82 6.06
CA ASP A 146 4.61 -15.25 5.84
CA ASP A 146 4.60 -15.26 5.85
C ASP A 146 5.42 -15.90 6.96
N ASN A 147 6.50 -15.24 7.40
CA ASN A 147 7.29 -15.79 8.48
C ASN A 147 6.53 -15.80 9.81
N ALA A 148 5.69 -14.79 10.05
CA ALA A 148 4.97 -14.73 11.32
C ALA A 148 3.72 -15.58 11.37
N LYS A 149 3.17 -15.99 10.22
N LYS A 149 3.21 -15.98 10.19
CA LYS A 149 1.76 -16.39 10.20
CA LYS A 149 1.84 -16.47 10.07
C LYS A 149 1.47 -17.63 11.04
C LYS A 149 1.53 -17.59 11.05
N ALA A 150 2.39 -18.60 11.08
CA ALA A 150 2.12 -19.80 11.88
C ALA A 150 2.02 -19.49 13.36
N SER A 151 2.71 -18.45 13.83
CA SER A 151 2.70 -18.06 15.23
C SER A 151 1.51 -17.18 15.60
N LEU A 152 0.86 -16.57 14.61
CA LEU A 152 -0.22 -15.64 14.89
C LEU A 152 -1.46 -16.35 15.41
N ASP A 153 -2.23 -15.64 16.24
CA ASP A 153 -3.47 -16.22 16.74
C ASP A 153 -4.40 -16.60 15.60
N SER A 154 -4.44 -15.80 14.55
CA SER A 154 -5.21 -16.06 13.35
C SER A 154 -4.34 -15.57 12.19
N PRO A 155 -4.37 -16.26 11.04
CA PRO A 155 -3.41 -15.98 9.97
C PRO A 155 -3.85 -14.81 9.09
N VAL A 156 -3.90 -13.63 9.70
CA VAL A 156 -4.48 -12.45 9.07
C VAL A 156 -3.67 -11.22 9.45
N PHE A 157 -3.78 -10.19 8.62
CA PHE A 157 -3.42 -8.84 9.04
C PHE A 157 -4.48 -7.90 8.50
N THR A 158 -4.61 -6.73 9.14
CA THR A 158 -5.62 -5.77 8.76
C THR A 158 -4.99 -4.40 8.53
N ALA A 159 -5.53 -3.68 7.55
CA ALA A 159 -5.14 -2.32 7.26
C ALA A 159 -6.31 -1.39 7.53
N ASP A 160 -6.06 -0.38 8.35
CA ASP A 160 -7.07 0.61 8.76
C ASP A 160 -6.41 1.97 8.57
N LEU A 161 -6.35 2.41 7.32
CA LEU A 161 -5.64 3.66 7.00
C LEU A 161 -6.54 4.85 7.27
N GLY A 162 -5.97 5.91 7.82
CA GLY A 162 -6.73 7.13 8.08
C GLY A 162 -6.73 8.11 6.93
N TYR A 163 -7.78 8.92 6.88
CA TYR A 163 -7.84 10.08 5.98
C TYR A 163 -7.28 11.27 6.73
N HIS A 164 -6.15 11.77 6.27
CA HIS A 164 -5.48 12.90 6.91
C HIS A 164 -5.30 12.66 8.41
N ALA A 165 -4.99 11.43 8.78
CA ALA A 165 -4.90 11.05 10.19
C ALA A 165 -4.19 9.69 10.27
N PRO A 166 -3.62 9.38 11.44
CA PRO A 166 -3.02 8.05 11.62
C PRO A 166 -4.07 6.94 11.60
N GLY A 167 -3.57 5.73 11.35
CA GLY A 167 -4.36 4.53 11.33
C GLY A 167 -3.59 3.38 11.94
N THR A 168 -3.94 2.14 11.60
CA THR A 168 -3.41 0.98 12.29
C THR A 168 -3.21 -0.18 11.34
N TYR A 169 -2.10 -0.88 11.51
CA TYR A 169 -1.90 -2.23 10.98
C TYR A 169 -1.89 -3.20 12.16
N ASN A 170 -2.80 -4.18 12.12
CA ASN A 170 -2.82 -5.25 13.09
C ASN A 170 -2.45 -6.57 12.46
N PHE A 171 -1.72 -7.40 13.21
CA PHE A 171 -1.33 -8.73 12.79
C PHE A 171 -1.89 -9.76 13.76
N GLY A 172 -2.62 -10.73 13.23
CA GLY A 172 -3.03 -11.88 14.00
C GLY A 172 -4.39 -11.79 14.64
N PHE A 173 -5.10 -10.66 14.51
CA PHE A 173 -6.41 -10.52 15.10
C PHE A 173 -7.20 -9.46 14.35
N ILE A 174 -8.53 -9.55 14.46
N ILE A 174 -8.53 -9.59 14.44
CA ILE A 174 -9.44 -8.58 13.86
CA ILE A 174 -9.49 -8.63 13.92
C ILE A 174 -10.07 -7.79 14.99
C ILE A 174 -9.98 -7.80 15.10
N ASP A 175 -9.81 -6.48 15.02
CA ASP A 175 -10.33 -5.59 16.06
C ASP A 175 -11.76 -5.26 15.70
N THR A 176 -12.70 -5.91 16.39
CA THR A 176 -14.11 -5.73 16.07
C THR A 176 -14.65 -4.38 16.49
N THR A 177 -13.86 -3.56 17.17
CA THR A 177 -14.28 -2.20 17.48
C THR A 177 -13.88 -1.20 16.40
N ALA A 178 -13.15 -1.64 15.38
CA ALA A 178 -12.53 -0.74 14.42
C ALA A 178 -13.37 -0.51 13.18
N TYR A 179 -14.55 -1.12 13.07
CA TYR A 179 -15.35 -0.99 11.87
C TYR A 179 -16.82 -1.04 12.28
N THR A 180 -17.68 -0.60 11.38
CA THR A 180 -19.12 -0.64 11.58
C THR A 180 -19.71 -1.76 10.73
N GLY A 181 -20.90 -2.21 11.12
CA GLY A 181 -21.52 -3.25 10.32
C GLY A 181 -20.70 -4.53 10.33
N SER A 182 -20.79 -5.26 9.22
N SER A 182 -20.78 -5.25 9.22
CA SER A 182 -20.11 -6.54 9.07
CA SER A 182 -20.09 -6.52 9.06
C SER A 182 -19.03 -6.45 8.01
C SER A 182 -18.94 -6.38 8.09
N ILE A 183 -18.09 -7.39 8.06
CA ILE A 183 -17.02 -7.50 7.08
C ILE A 183 -17.52 -8.41 5.96
N THR A 184 -17.44 -7.94 4.71
CA THR A 184 -17.77 -8.76 3.55
C THR A 184 -16.50 -9.32 2.95
N TYR A 185 -16.41 -10.63 2.89
CA TYR A 185 -15.25 -11.30 2.33
C TYR A 185 -15.47 -11.65 0.87
N THR A 186 -14.38 -11.61 0.11
CA THR A 186 -14.40 -11.80 -1.33
C THR A 186 -13.16 -12.58 -1.74
N ALA A 187 -13.30 -13.32 -2.83
CA ALA A 187 -12.24 -14.25 -3.25
C ALA A 187 -11.02 -13.52 -3.77
N VAL A 188 -9.87 -14.16 -3.60
CA VAL A 188 -8.57 -13.63 -4.02
C VAL A 188 -7.93 -14.63 -4.98
N SER A 189 -7.34 -14.10 -6.06
CA SER A 189 -6.44 -14.86 -6.90
C SER A 189 -5.00 -14.48 -6.53
N THR A 190 -4.17 -15.49 -6.27
CA THR A 190 -2.77 -15.25 -6.02
C THR A 190 -1.90 -15.51 -7.24
N LYS A 191 -2.50 -15.68 -8.42
CA LYS A 191 -1.75 -16.13 -9.59
C LYS A 191 -0.70 -15.12 -10.03
N GLN A 192 -0.93 -13.83 -9.78
CA GLN A 192 0.06 -12.79 -10.10
C GLN A 192 0.84 -12.35 -8.85
N GLY A 193 0.65 -13.01 -7.72
CA GLY A 193 1.36 -12.68 -6.51
C GLY A 193 0.74 -11.56 -5.70
N PHE A 194 -0.38 -10.99 -6.13
CA PHE A 194 -1.02 -9.87 -5.47
C PHE A 194 -2.27 -10.32 -4.70
N TRP A 195 -2.77 -9.41 -3.87
CA TRP A 195 -4.10 -9.57 -3.26
C TRP A 195 -5.10 -9.08 -4.31
N GLU A 196 -5.36 -9.94 -5.29
CA GLU A 196 -6.15 -9.62 -6.47
C GLU A 196 -7.58 -10.13 -6.30
N TRP A 197 -8.55 -9.27 -6.53
CA TRP A 197 -9.94 -9.56 -6.26
C TRP A 197 -10.78 -8.88 -7.34
N THR A 198 -12.09 -9.10 -7.30
CA THR A 198 -13.00 -8.56 -8.32
C THR A 198 -14.08 -7.75 -7.62
N SER A 199 -14.06 -6.45 -7.80
CA SER A 199 -15.15 -5.60 -7.35
C SER A 199 -16.39 -5.83 -8.20
N THR A 200 -17.56 -5.67 -7.59
CA THR A 200 -18.83 -5.95 -8.25
C THR A 200 -19.42 -4.71 -8.92
N GLY A 201 -18.81 -3.53 -8.81
CA GLY A 201 -19.27 -2.40 -9.59
C GLY A 201 -18.97 -1.09 -8.88
N TYR A 202 -19.64 -0.04 -9.36
CA TYR A 202 -19.39 1.28 -8.81
C TYR A 202 -20.58 2.20 -8.98
N ALA A 203 -20.54 3.29 -8.20
CA ALA A 203 -21.45 4.42 -8.38
C ALA A 203 -20.66 5.72 -8.22
N VAL A 204 -21.16 6.77 -8.86
CA VAL A 204 -20.58 8.11 -8.78
C VAL A 204 -21.56 8.98 -8.02
N GLY A 205 -21.13 9.56 -6.91
CA GLY A 205 -22.01 10.39 -6.10
C GLY A 205 -23.27 9.65 -5.72
N SER A 206 -24.41 10.33 -5.88
CA SER A 206 -25.72 9.76 -5.58
CA SER A 206 -25.71 9.76 -5.58
C SER A 206 -26.30 8.96 -6.74
N GLY A 207 -25.51 8.70 -7.77
CA GLY A 207 -25.98 7.99 -8.93
C GLY A 207 -26.25 6.52 -8.67
N THR A 208 -26.90 5.90 -9.66
CA THR A 208 -27.25 4.50 -9.54
C THR A 208 -26.00 3.63 -9.68
N PHE A 209 -26.03 2.50 -9.00
CA PHE A 209 -24.90 1.59 -8.99
C PHE A 209 -24.86 0.80 -10.29
N LYS A 210 -23.70 0.77 -10.93
CA LYS A 210 -23.43 0.00 -12.14
C LYS A 210 -22.80 -1.32 -11.74
N SER A 211 -23.50 -2.42 -12.01
CA SER A 211 -22.99 -3.76 -11.74
C SER A 211 -22.06 -4.15 -12.88
N THR A 212 -20.78 -4.32 -12.56
CA THR A 212 -19.77 -4.67 -13.55
C THR A 212 -18.55 -5.18 -12.79
N SER A 213 -17.94 -6.25 -13.29
CA SER A 213 -16.80 -6.84 -12.61
C SER A 213 -15.54 -6.04 -12.90
N ILE A 214 -14.84 -5.63 -11.83
CA ILE A 214 -13.59 -4.89 -11.96
C ILE A 214 -12.52 -5.66 -11.20
N ASP A 215 -11.65 -6.34 -11.92
CA ASP A 215 -10.53 -7.06 -11.34
CA ASP A 215 -10.54 -7.06 -11.31
C ASP A 215 -9.44 -6.07 -10.95
N GLY A 216 -8.91 -6.18 -9.74
CA GLY A 216 -7.83 -5.29 -9.36
C GLY A 216 -7.15 -5.78 -8.11
N ILE A 217 -6.15 -5.03 -7.65
CA ILE A 217 -5.37 -5.45 -6.49
C ILE A 217 -5.59 -4.47 -5.33
N ALA A 218 -5.57 -5.01 -4.11
CA ALA A 218 -5.61 -4.20 -2.90
C ALA A 218 -4.17 -3.86 -2.55
N ASP A 219 -3.79 -2.59 -2.75
CA ASP A 219 -2.40 -2.18 -2.70
C ASP A 219 -2.20 -0.96 -1.80
N THR A 220 -1.80 -1.23 -0.55
CA THR A 220 -1.53 -0.14 0.37
C THR A 220 -0.33 0.72 -0.04
N GLY A 221 0.52 0.22 -0.94
CA GLY A 221 1.68 0.94 -1.41
C GLY A 221 1.46 1.83 -2.61
N THR A 222 0.25 1.90 -3.14
CA THR A 222 -0.10 2.82 -4.21
C THR A 222 -0.99 3.90 -3.62
N THR A 223 -0.73 5.16 -3.95
CA THR A 223 -1.47 6.26 -3.32
C THR A 223 -2.92 6.32 -3.81
N LEU A 224 -3.12 6.25 -5.12
CA LEU A 224 -4.38 6.59 -5.75
C LEU A 224 -5.17 5.35 -6.15
N LEU A 225 -6.38 5.59 -6.66
CA LEU A 225 -7.28 4.56 -7.16
C LEU A 225 -7.22 4.58 -8.69
N TYR A 226 -6.72 3.50 -9.29
CA TYR A 226 -6.57 3.37 -10.73
C TYR A 226 -7.57 2.35 -11.25
N LEU A 227 -8.47 2.80 -12.13
CA LEU A 227 -9.60 2.02 -12.63
C LEU A 227 -9.71 2.18 -14.13
N PRO A 228 -10.53 1.35 -14.78
CA PRO A 228 -10.64 1.43 -16.24
C PRO A 228 -11.10 2.81 -16.69
N ALA A 229 -10.64 3.19 -17.88
CA ALA A 229 -10.90 4.53 -18.40
C ALA A 229 -12.38 4.85 -18.46
N THR A 230 -13.23 3.86 -18.75
CA THR A 230 -14.67 4.11 -18.80
C THR A 230 -15.19 4.56 -17.45
N VAL A 231 -14.77 3.88 -16.38
CA VAL A 231 -15.23 4.21 -15.03
C VAL A 231 -14.73 5.59 -14.63
N VAL A 232 -13.46 5.87 -14.91
CA VAL A 232 -12.83 7.12 -14.50
C VAL A 232 -13.46 8.29 -15.25
N SER A 233 -13.77 8.11 -16.54
CA SER A 233 -14.44 9.16 -17.31
C SER A 233 -15.81 9.44 -16.73
N ALA A 234 -16.55 8.39 -16.38
CA ALA A 234 -17.87 8.60 -15.79
C ALA A 234 -17.79 9.37 -14.47
N TYR A 235 -16.74 9.16 -13.67
CA TYR A 235 -16.57 9.93 -12.44
C TYR A 235 -16.30 11.40 -12.74
N TRP A 236 -15.26 11.69 -13.53
CA TRP A 236 -14.82 13.08 -13.73
C TRP A 236 -15.81 13.86 -14.56
N ALA A 237 -16.68 13.20 -15.33
CA ALA A 237 -17.73 13.90 -16.05
C ALA A 237 -18.71 14.60 -15.11
N GLN A 238 -18.74 14.22 -13.85
CA GLN A 238 -19.61 14.85 -12.86
C GLN A 238 -18.97 16.05 -12.19
N VAL A 239 -17.74 16.43 -12.57
CA VAL A 239 -17.02 17.55 -11.98
C VAL A 239 -16.83 18.61 -13.06
N SER A 240 -17.48 19.76 -12.91
CA SER A 240 -17.40 20.81 -13.91
CA SER A 240 -17.40 20.81 -13.91
C SER A 240 -15.95 21.25 -14.09
N GLY A 241 -15.48 21.24 -15.33
CA GLY A 241 -14.14 21.67 -15.63
C GLY A 241 -13.06 20.61 -15.49
N ALA A 242 -13.39 19.40 -15.03
CA ALA A 242 -12.37 18.36 -14.94
C ALA A 242 -12.02 17.87 -16.33
N LYS A 243 -10.76 17.49 -16.51
CA LYS A 243 -10.27 17.04 -17.80
C LYS A 243 -9.04 16.20 -17.58
N SER A 244 -8.75 15.35 -18.56
CA SER A 244 -7.51 14.59 -18.55
C SER A 244 -6.44 15.42 -19.23
N SER A 245 -5.33 15.63 -18.54
CA SER A 245 -4.23 16.45 -19.01
C SER A 245 -3.04 15.56 -19.32
N SER A 246 -2.66 15.47 -20.58
CA SER A 246 -1.47 14.69 -20.93
CA SER A 246 -1.47 14.71 -20.94
C SER A 246 -0.20 15.34 -20.37
N SER A 247 -0.17 16.67 -20.29
CA SER A 247 1.03 17.33 -19.78
C SER A 247 1.20 17.13 -18.29
N VAL A 248 0.09 17.07 -17.54
CA VAL A 248 0.19 16.83 -16.10
C VAL A 248 0.32 15.34 -15.80
N GLY A 249 -0.30 14.49 -16.61
CA GLY A 249 -0.25 13.06 -16.39
C GLY A 249 -1.49 12.44 -15.79
N GLY A 250 -2.66 13.05 -15.98
CA GLY A 250 -3.88 12.46 -15.52
C GLY A 250 -4.98 13.51 -15.42
N TYR A 251 -6.06 13.11 -14.79
CA TYR A 251 -7.19 13.98 -14.57
C TYR A 251 -6.87 15.06 -13.55
N VAL A 252 -7.20 16.28 -13.92
CA VAL A 252 -7.13 17.46 -13.06
C VAL A 252 -8.51 18.08 -13.01
N PHE A 253 -8.74 18.89 -11.99
CA PHE A 253 -10.05 19.50 -11.80
C PHE A 253 -9.86 20.85 -11.13
N PRO A 254 -10.82 21.75 -11.26
CA PRO A 254 -10.66 23.06 -10.59
C PRO A 254 -10.61 22.89 -9.10
N CYS A 255 -9.62 23.54 -8.46
CA CYS A 255 -9.53 23.44 -7.02
C CYS A 255 -10.75 23.98 -6.30
N SER A 256 -11.55 24.82 -6.97
CA SER A 256 -12.78 25.33 -6.40
C SER A 256 -13.92 24.31 -6.36
N ALA A 257 -13.74 23.12 -6.92
CA ALA A 257 -14.82 22.14 -6.99
C ALA A 257 -15.05 21.46 -5.66
N THR A 258 -16.29 21.00 -5.48
CA THR A 258 -16.66 20.04 -4.44
C THR A 258 -16.82 18.69 -5.13
N LEU A 259 -16.00 17.70 -4.76
CA LEU A 259 -16.00 16.44 -5.50
C LEU A 259 -17.12 15.53 -5.03
N PRO A 260 -17.71 14.75 -5.92
CA PRO A 260 -18.66 13.71 -5.53
C PRO A 260 -17.93 12.50 -4.94
N SER A 261 -18.68 11.74 -4.14
CA SER A 261 -18.14 10.49 -3.64
C SER A 261 -18.03 9.47 -4.77
N PHE A 262 -17.36 8.37 -4.47
CA PHE A 262 -17.24 7.24 -5.38
C PHE A 262 -17.47 5.97 -4.56
N THR A 263 -18.37 5.12 -5.01
CA THR A 263 -18.69 3.89 -4.31
C THR A 263 -18.16 2.72 -5.12
N PHE A 264 -17.56 1.73 -4.45
CA PHE A 264 -17.21 0.48 -5.09
C PHE A 264 -17.84 -0.70 -4.38
N GLY A 265 -18.16 -1.72 -5.17
CA GLY A 265 -18.81 -2.91 -4.64
C GLY A 265 -17.85 -3.98 -4.16
N VAL A 266 -18.20 -4.59 -3.04
CA VAL A 266 -17.54 -5.78 -2.52
C VAL A 266 -18.66 -6.80 -2.31
N GLY A 267 -18.78 -7.75 -3.23
CA GLY A 267 -19.96 -8.59 -3.21
C GLY A 267 -21.20 -7.72 -3.25
N SER A 268 -22.16 -8.01 -2.37
CA SER A 268 -23.37 -7.21 -2.28
CA SER A 268 -23.37 -7.22 -2.27
C SER A 268 -23.20 -5.96 -1.43
N ALA A 269 -22.04 -5.78 -0.82
CA ALA A 269 -21.76 -4.62 0.03
C ALA A 269 -21.19 -3.47 -0.80
N ARG A 270 -21.10 -2.31 -0.16
CA ARG A 270 -20.69 -1.08 -0.83
C ARG A 270 -19.77 -0.30 0.10
N ILE A 271 -18.63 0.14 -0.43
CA ILE A 271 -17.72 1.03 0.29
C ILE A 271 -17.80 2.39 -0.38
N VAL A 272 -18.01 3.43 0.41
CA VAL A 272 -18.16 4.80 -0.11
C VAL A 272 -16.90 5.59 0.20
N ILE A 273 -16.26 6.08 -0.86
CA ILE A 273 -15.12 6.98 -0.74
C ILE A 273 -15.66 8.41 -0.76
N PRO A 274 -15.57 9.17 0.33
CA PRO A 274 -16.04 10.57 0.27
C PRO A 274 -15.26 11.37 -0.76
N GLY A 275 -15.94 12.38 -1.33
CA GLY A 275 -15.30 13.20 -2.34
C GLY A 275 -14.01 13.82 -1.89
N ASP A 276 -13.92 14.26 -0.62
CA ASP A 276 -12.69 14.90 -0.17
C ASP A 276 -11.48 13.98 -0.27
N TYR A 277 -11.70 12.67 -0.19
CA TYR A 277 -10.56 11.74 -0.27
C TYR A 277 -9.94 11.73 -1.66
N ILE A 278 -10.63 12.27 -2.66
CA ILE A 278 -10.22 12.23 -4.06
C ILE A 278 -9.48 13.50 -4.47
N ASP A 279 -9.32 14.44 -3.54
CA ASP A 279 -8.62 15.70 -3.80
C ASP A 279 -7.15 15.56 -3.39
N PHE A 280 -6.25 15.63 -4.37
CA PHE A 280 -4.81 15.60 -4.11
C PHE A 280 -4.14 16.95 -4.29
N GLY A 281 -4.92 18.02 -4.31
CA GLY A 281 -4.40 19.36 -4.17
C GLY A 281 -3.76 19.90 -5.44
N PRO A 282 -3.26 21.12 -5.34
CA PRO A 282 -2.72 21.80 -6.53
C PRO A 282 -1.63 21.00 -7.22
N ILE A 283 -1.65 21.03 -8.56
CA ILE A 283 -0.65 20.29 -9.34
C ILE A 283 0.75 20.82 -9.08
N SER A 284 0.86 22.11 -8.81
CA SER A 284 2.10 22.76 -8.42
C SER A 284 1.72 23.84 -7.43
N THR A 285 2.66 24.27 -6.61
CA THR A 285 2.34 25.21 -5.56
C THR A 285 1.65 26.45 -6.13
N GLY A 286 0.51 26.80 -5.56
CA GLY A 286 -0.20 27.98 -5.96
C GLY A 286 -1.14 27.82 -7.14
N SER A 287 -1.15 26.67 -7.79
CA SER A 287 -2.02 26.46 -8.94
C SER A 287 -3.46 26.31 -8.48
N SER A 288 -4.40 26.75 -9.33
CA SER A 288 -5.82 26.45 -9.11
C SER A 288 -6.28 25.19 -9.82
N SER A 289 -5.38 24.44 -10.44
CA SER A 289 -5.70 23.13 -10.99
CA SER A 289 -5.68 23.13 -11.00
C SER A 289 -5.25 22.08 -9.98
N CYS A 290 -6.16 21.20 -9.61
CA CYS A 290 -5.92 20.19 -8.58
C CYS A 290 -5.87 18.80 -9.19
N PHE A 291 -5.09 17.92 -8.57
CA PHE A 291 -4.88 16.59 -9.13
C PHE A 291 -5.89 15.60 -8.56
N GLY A 292 -6.48 14.80 -9.44
CA GLY A 292 -7.50 13.85 -9.00
C GLY A 292 -6.95 12.59 -8.37
N GLY A 293 -7.71 12.04 -7.42
CA GLY A 293 -7.33 10.83 -6.73
C GLY A 293 -7.83 9.56 -7.35
N ILE A 294 -8.65 9.67 -8.40
CA ILE A 294 -9.11 8.55 -9.22
C ILE A 294 -8.53 8.79 -10.62
N GLN A 295 -7.78 7.82 -11.14
CA GLN A 295 -7.05 7.96 -12.38
C GLN A 295 -7.22 6.70 -13.20
N SER A 296 -6.98 6.81 -14.50
CA SER A 296 -7.10 5.66 -15.38
C SER A 296 -5.96 4.68 -15.18
N SER A 297 -6.30 3.39 -15.19
CA SER A 297 -5.31 2.33 -15.18
C SER A 297 -4.86 1.94 -16.59
N ALA A 298 -5.38 2.61 -17.62
N ALA A 298 -5.34 2.63 -17.63
CA ALA A 298 -4.98 2.28 -18.98
CA ALA A 298 -5.20 2.10 -18.98
C ALA A 298 -3.48 2.52 -19.15
C ALA A 298 -3.76 1.81 -19.37
N GLY A 299 -2.79 1.49 -19.60
N GLY A 299 -2.81 2.60 -18.89
CA GLY A 299 -1.35 1.54 -19.69
CA GLY A 299 -1.40 2.40 -19.24
C GLY A 299 -0.63 1.00 -18.48
C GLY A 299 -0.62 1.53 -18.28
N ILE A 300 -1.29 0.95 -17.31
CA ILE A 300 -0.65 0.21 -16.22
C ILE A 300 -0.73 -1.30 -16.37
N GLY A 301 -1.80 -1.82 -16.95
CA GLY A 301 -1.98 -3.24 -17.10
C GLY A 301 -2.75 -3.91 -15.98
N ILE A 302 -3.11 -3.18 -14.93
CA ILE A 302 -3.89 -3.74 -13.82
C ILE A 302 -4.61 -2.58 -13.16
N ASN A 303 -5.79 -2.86 -12.61
CA ASN A 303 -6.48 -1.89 -11.79
C ASN A 303 -5.94 -1.98 -10.37
N ILE A 304 -5.84 -0.83 -9.71
CA ILE A 304 -5.20 -0.76 -8.41
C ILE A 304 -6.11 -0.05 -7.43
N PHE A 305 -6.59 -0.79 -6.43
CA PHE A 305 -7.30 -0.23 -5.30
C PHE A 305 -6.24 0.21 -4.29
N GLY A 306 -5.72 1.43 -4.49
CA GLY A 306 -4.71 2.02 -3.63
C GLY A 306 -5.33 2.72 -2.44
N ASP A 307 -4.51 3.55 -1.80
CA ASP A 307 -4.90 4.11 -0.51
C ASP A 307 -6.20 4.90 -0.58
N VAL A 308 -6.47 5.62 -1.67
CA VAL A 308 -7.72 6.37 -1.82
C VAL A 308 -8.92 5.48 -1.54
N ALA A 309 -8.91 4.25 -2.07
CA ALA A 309 -9.99 3.31 -1.81
C ALA A 309 -9.86 2.64 -0.45
N LEU A 310 -8.66 2.15 -0.13
CA LEU A 310 -8.51 1.33 1.08
C LEU A 310 -8.78 2.15 2.35
N LYS A 311 -8.43 3.44 2.35
CA LYS A 311 -8.61 4.24 3.56
CA LYS A 311 -8.61 4.22 3.58
C LYS A 311 -10.08 4.48 3.88
N ALA A 312 -10.98 4.25 2.93
CA ALA A 312 -12.41 4.32 3.20
C ALA A 312 -12.94 3.06 3.89
N ALA A 313 -12.12 2.04 4.12
CA ALA A 313 -12.57 0.76 4.65
C ALA A 313 -11.63 0.25 5.74
N PHE A 314 -12.14 -0.71 6.50
CA PHE A 314 -11.33 -1.60 7.33
C PHE A 314 -11.11 -2.84 6.49
N VAL A 315 -9.86 -3.18 6.20
CA VAL A 315 -9.53 -4.19 5.21
C VAL A 315 -8.81 -5.36 5.88
N VAL A 316 -9.34 -6.57 5.69
CA VAL A 316 -8.75 -7.80 6.21
C VAL A 316 -8.03 -8.52 5.08
N PHE A 317 -6.75 -8.78 5.28
CA PHE A 317 -5.91 -9.58 4.40
C PHE A 317 -5.83 -10.95 5.08
N ASN A 318 -6.68 -11.87 4.64
CA ASN A 318 -6.81 -13.17 5.26
C ASN A 318 -5.87 -14.15 4.56
N GLY A 319 -4.81 -14.55 5.27
CA GLY A 319 -3.81 -15.46 4.73
C GLY A 319 -4.02 -16.90 5.09
N ALA A 320 -5.26 -17.30 5.28
CA ALA A 320 -5.59 -18.70 5.42
C ALA A 320 -5.19 -19.48 4.16
N THR A 321 -5.30 -20.81 4.27
CA THR A 321 -4.85 -21.69 3.19
C THR A 321 -5.39 -21.22 1.84
N THR A 322 -6.68 -20.88 1.80
CA THR A 322 -7.23 -20.17 0.65
C THR A 322 -7.38 -18.71 1.06
N PRO A 323 -6.52 -17.81 0.59
CA PRO A 323 -6.61 -16.41 1.02
C PRO A 323 -7.89 -15.75 0.53
N THR A 324 -8.36 -14.78 1.32
CA THR A 324 -9.48 -13.95 0.91
C THR A 324 -9.21 -12.53 1.41
N LEU A 325 -10.00 -11.58 0.91
N LEU A 325 -10.10 -11.62 1.05
CA LEU A 325 -10.00 -10.21 1.40
CA LEU A 325 -10.00 -10.20 1.35
C LEU A 325 -11.35 -9.92 2.04
C LEU A 325 -11.34 -9.73 1.91
N GLY A 326 -11.32 -9.11 3.09
CA GLY A 326 -12.54 -8.62 3.73
C GLY A 326 -12.56 -7.10 3.75
N PHE A 327 -13.74 -6.52 3.50
CA PHE A 327 -13.92 -5.08 3.59
C PHE A 327 -15.11 -4.76 4.47
N ALA A 328 -14.94 -3.79 5.37
CA ALA A 328 -16.02 -3.24 6.17
C ALA A 328 -15.95 -1.72 6.08
N SER A 329 -17.12 -1.08 6.19
CA SER A 329 -17.17 0.35 6.41
C SER A 329 -16.68 0.66 7.82
N LYS A 330 -16.37 1.93 8.06
CA LYS A 330 -15.86 2.33 9.36
C LYS A 330 -16.20 3.76 9.68
S DMS B . 5.23 1.96 -4.35
O DMS B . 4.33 1.14 -5.25
C1 DMS B . 5.39 1.13 -2.75
C2 DMS B . 6.93 1.84 -4.93
H11 DMS B . 4.44 0.98 -2.33
H12 DMS B . 5.99 1.72 -2.11
H13 DMS B . 5.87 0.19 -2.90
H21 DMS B . 6.98 2.10 -5.95
H22 DMS B . 7.27 0.84 -4.81
H23 DMS B . 7.55 2.50 -4.37
N1 A1JFV C . 2.88 -1.21 -4.59
C4 A1JFV C . 2.31 -3.19 -7.47
C5 A1JFV C . 1.67 -3.11 -8.70
C6 A1JFV C . 1.59 -1.90 -9.36
C7 A1JFV C . 2.17 -0.77 -8.80
C13 A1JFV C . 0.91 4.43 -10.43
C17 A1JFV C . 2.00 2.72 -12.32
C11 A1JFV C . 1.70 2.23 -11.05
C12 A1JFV C . 1.15 3.11 -10.12
C14 A1JFV C . 1.24 4.86 -11.69
C16 A1JFV C . 1.78 4.04 -12.65
C18 A1JFV C . 2.82 -0.86 -7.59
C2 A1JFV C . 3.54 -2.13 -5.55
C3 A1JFV C . 2.89 -2.07 -6.91
C9 A1JFV C . 1.90 0.79 -10.72
F15 A1JFV C . 0.99 6.16 -12.01
N8 A1JFV C . 2.04 0.51 -9.41
O10 A1JFV C . 1.95 -0.06 -11.61
H1C A1JFV C . 2.86 -1.56 -3.77
H1A A1JFV C . 2.05 -1.04 -4.84
H4 A1JFV C . 2.35 -4.06 -7.02
H5 A1JFV C . 1.26 -3.91 -9.08
H6 A1JFV C . 1.13 -1.87 -10.23
H13 A1JFV C . 0.54 5.05 -9.79
H17 A1JFV C . 2.39 2.12 -12.99
H12 A1JFV C . 0.93 2.79 -9.22
H16 A1JFV C . 1.99 4.40 -13.54
H18 A1JFV C . 3.24 -0.07 -7.19
H2A A1JFV C . 3.48 -3.02 -5.16
H2B A1JFV C . 4.48 -1.87 -5.58
H8 A1JFV C . 2.05 1.19 -8.85
H1B A1JFV C . 3.32 -0.44 -4.54
#